data_9IVK
#
_entry.id   9IVK
#
loop_
_entity.id
_entity.type
_entity.pdbx_description
1 polymer 'HBC599 membrane protein binder'
2 polymer 'Heavy chain, Fab fragment'
3 polymer 'Light Chain, Fab fragment'
4 non-polymer 4-[(Z)-1-cyano-2-{6-[(2-hydroxyethyl)(methyl)amino]-1-benzothiophen-2-yl}ethenyl]benzonitrile
#
loop_
_entity_poly.entity_id
_entity_poly.type
_entity_poly.pdbx_seq_one_letter_code
_entity_poly.pdbx_strand_id
1 'polypeptide(L)'
;DEERLKEILFFLLLIIIFVVFLLIVDYKFLEEFKEKNVTDKEEFNEVIKIDEAVMLISAFLLAIAAALLKELEELIRKRF
EEWEKEEETLKKLEDNWETLNDNLKVIEKADNAAQVKDALTKMRAAALDAQKATPPKLEDKSPDSPEMKDFRHGFDILVG
QIDDALKLANEGKVKEAQAAAEQLKTTRNAYIQKYLEKAKETMEKRKEIRRELEKILGVLAGLYVGAAFLMVIAKFLTKK
IKEENTTDKEKLNEWYEFVYVLLIFAFFIILAIAVVLLKLLEILG
;
A
2 'polypeptide(L)'
;EISEVQLVESGGGLVQPGGSLRLSCAASGFNVVDFSLHWVRQAPGKGLEWVAYISSSSGSTSYADSVKGRFTISADTSKN
TAYLQMNSLRAEDTAVYYCARWGYWPGEPWWKAFDYWGQGTLVTVSSASTKGPSVFPLAPSSKSTSGGTAALGCLVKDYF
PEPVTVSWNSGALTSGVHTFPAVLQSSGLYSLSSVVTVPSSSLGTQTYICNVNHKPSNTKVDKKVEPKS
;
H
3 'polypeptide(L)'
;SDIQMTQSPSSLSASVGDRVTITCRASQSVSSAVAWYQQKPGKAPKLLIYSASSLYSGVPSRFSGSRSGTDFTLTISSLQ
PEDFATYYCQQYLYYSLVTFGQGTKVEIKRTVAAPSVFIFPPSDSQLKSGTASVVCLLNNFYPREAKVQWKVDNALQSGN
SQESVTEQDSKDSTYSLSSTLTLSKADYEKHKVYACEVTHQGLSSPVTKSFNRG
;
L
#
loop_
_chem_comp.id
_chem_comp.type
_chem_comp.name
_chem_comp.formula
KY6 non-polymer 4-[(Z)-1-cyano-2-{6-[(2-hydroxyethyl)(methyl)amino]-1-benzothiophen-2-yl}ethenyl]benzonitrile 'C21 H17 N3 O S'
#
# COMPACT_ATOMS: atom_id res chain seq x y z
N ASP A 1 15.30 -10.79 -11.56
CA ASP A 1 14.67 -9.70 -12.29
C ASP A 1 15.70 -8.94 -13.13
N GLU A 2 16.39 -8.00 -12.48
CA GLU A 2 17.41 -7.23 -13.19
C GLU A 2 18.55 -8.13 -13.66
N GLU A 3 18.96 -9.08 -12.83
CA GLU A 3 19.97 -10.04 -13.24
C GLU A 3 19.45 -10.90 -14.40
N ARG A 4 18.17 -11.26 -14.36
CA ARG A 4 17.56 -11.99 -15.48
C ARG A 4 17.58 -11.15 -16.75
N LEU A 5 17.28 -9.85 -16.63
CA LEU A 5 17.34 -8.97 -17.79
C LEU A 5 18.74 -8.92 -18.37
N LYS A 6 19.74 -8.76 -17.50
CA LYS A 6 21.13 -8.71 -17.96
C LYS A 6 21.50 -10.02 -18.66
N GLU A 7 21.09 -11.15 -18.08
CA GLU A 7 21.38 -12.47 -18.70
C GLU A 7 20.71 -12.55 -20.07
N ILE A 8 19.46 -12.06 -20.21
CA ILE A 8 18.71 -12.15 -21.50
C ILE A 8 19.49 -11.39 -22.56
N LEU A 9 19.68 -10.10 -22.37
CA LEU A 9 20.37 -9.30 -23.39
C LEU A 9 21.73 -9.93 -23.63
N PHE A 10 22.29 -10.62 -22.66
CA PHE A 10 23.69 -11.09 -22.86
C PHE A 10 23.60 -12.20 -23.86
N PHE A 11 22.62 -13.03 -23.60
CA PHE A 11 22.44 -14.19 -24.47
C PHE A 11 21.89 -13.79 -25.83
N LEU A 12 21.08 -12.73 -25.88
CA LEU A 12 20.65 -12.20 -27.17
C LEU A 12 21.83 -11.67 -27.97
N LEU A 13 22.75 -10.96 -27.30
CA LEU A 13 23.98 -10.53 -27.98
C LEU A 13 24.78 -11.72 -28.48
N LEU A 14 24.84 -12.78 -27.67
CA LEU A 14 25.58 -13.98 -28.08
C LEU A 14 24.94 -14.62 -29.32
N ILE A 15 23.62 -14.70 -29.34
CA ILE A 15 22.91 -15.22 -30.51
C ILE A 15 23.19 -14.35 -31.72
N ILE A 16 23.25 -13.03 -31.51
CA ILE A 16 23.52 -12.10 -32.61
C ILE A 16 24.91 -12.38 -33.18
N ILE A 17 25.88 -12.59 -32.29
CA ILE A 17 27.24 -12.88 -32.72
C ILE A 17 27.29 -14.20 -33.49
N PHE A 18 26.58 -15.22 -33.00
CA PHE A 18 26.55 -16.50 -33.72
C PHE A 18 25.93 -16.32 -35.11
N VAL A 19 24.88 -15.51 -35.24
CA VAL A 19 24.21 -15.41 -36.56
C VAL A 19 25.04 -14.55 -37.52
N VAL A 20 25.84 -13.62 -37.00
CA VAL A 20 26.74 -12.82 -37.88
C VAL A 20 27.94 -13.68 -38.28
N PHE A 21 28.42 -14.56 -37.38
CA PHE A 21 29.49 -15.48 -37.74
C PHE A 21 29.03 -16.48 -38.78
N LEU A 22 27.82 -17.02 -38.62
CA LEU A 22 27.28 -17.95 -39.61
C LEU A 22 27.13 -17.27 -40.97
N LEU A 23 26.64 -16.02 -40.97
CA LEU A 23 26.47 -15.29 -42.22
C LEU A 23 27.81 -15.04 -42.91
N ILE A 24 28.83 -14.64 -42.14
CA ILE A 24 30.12 -14.37 -42.76
C ILE A 24 30.77 -15.67 -43.26
N VAL A 25 30.57 -16.77 -42.55
CA VAL A 25 31.07 -18.06 -43.02
C VAL A 25 30.39 -18.47 -44.32
N ASP A 26 29.06 -18.26 -44.40
CA ASP A 26 28.35 -18.55 -45.64
C ASP A 26 28.85 -17.68 -46.78
N TYR A 27 29.11 -16.40 -46.50
CA TYR A 27 29.64 -15.51 -47.53
C TYR A 27 31.02 -15.98 -48.00
N LYS A 28 31.88 -16.39 -47.07
CA LYS A 28 33.20 -16.89 -47.44
C LYS A 28 33.11 -18.15 -48.29
N PHE A 29 32.22 -19.07 -47.92
CA PHE A 29 32.03 -20.28 -48.73
C PHE A 29 31.52 -19.95 -50.12
N LEU A 30 30.56 -19.03 -50.22
CA LEU A 30 30.05 -18.65 -51.54
C LEU A 30 31.15 -18.00 -52.38
N GLU A 31 31.96 -17.14 -51.76
CA GLU A 31 33.05 -16.49 -52.48
C GLU A 31 34.06 -17.51 -52.99
N GLU A 32 34.48 -18.43 -52.11
CA GLU A 32 35.46 -19.43 -52.54
C GLU A 32 34.86 -20.41 -53.54
N PHE A 33 33.54 -20.58 -53.53
CA PHE A 33 32.90 -21.45 -54.51
C PHE A 33 32.86 -20.79 -55.89
N LYS A 34 32.55 -19.49 -55.94
CA LYS A 34 32.35 -18.84 -57.23
C LYS A 34 33.55 -18.04 -57.73
N GLU A 35 34.68 -18.04 -57.00
CA GLU A 35 35.90 -17.51 -57.61
C GLU A 35 36.39 -18.41 -58.73
N LYS A 36 36.32 -19.72 -58.54
CA LYS A 36 36.80 -20.65 -59.56
C LYS A 36 35.93 -20.68 -60.80
N ASN A 37 34.70 -20.17 -60.71
CA ASN A 37 33.75 -20.15 -61.82
C ASN A 37 33.52 -21.57 -62.37
N VAL A 38 32.99 -22.43 -61.49
CA VAL A 38 32.75 -23.83 -61.80
C VAL A 38 31.24 -24.03 -61.97
N THR A 39 30.84 -24.58 -63.11
CA THR A 39 29.44 -24.83 -63.42
C THR A 39 29.04 -26.27 -63.15
N ASP A 40 29.86 -27.04 -62.45
CA ASP A 40 29.53 -28.43 -62.15
C ASP A 40 28.30 -28.50 -61.26
N LYS A 41 27.43 -29.47 -61.56
CA LYS A 41 26.18 -29.60 -60.81
C LYS A 41 26.45 -30.04 -59.37
N GLU A 42 27.47 -30.88 -59.16
CA GLU A 42 27.76 -31.36 -57.81
C GLU A 42 28.17 -30.23 -56.88
N GLU A 43 29.00 -29.30 -57.36
CA GLU A 43 29.44 -28.19 -56.53
C GLU A 43 28.27 -27.28 -56.16
N PHE A 44 27.39 -26.99 -57.13
CA PHE A 44 26.22 -26.17 -56.85
C PHE A 44 25.31 -26.87 -55.85
N ASN A 45 25.08 -28.17 -56.05
CA ASN A 45 24.16 -28.93 -55.18
C ASN A 45 24.76 -29.11 -53.79
N GLU A 46 26.06 -28.83 -53.65
CA GLU A 46 26.74 -29.03 -52.34
C GLU A 46 27.12 -27.67 -51.74
N VAL A 47 27.78 -26.81 -52.53
CA VAL A 47 28.26 -25.50 -51.99
C VAL A 47 27.10 -24.51 -51.87
N ILE A 48 25.88 -24.97 -52.11
CA ILE A 48 24.70 -24.08 -51.89
C ILE A 48 23.84 -24.87 -50.88
N LYS A 49 24.08 -26.18 -50.76
CA LYS A 49 23.44 -26.92 -49.64
C LYS A 49 24.21 -26.38 -48.44
N ILE A 50 25.20 -25.50 -48.66
CA ILE A 50 25.89 -24.82 -47.52
C ILE A 50 24.96 -23.68 -47.08
N ASP A 51 24.38 -23.00 -48.07
CA ASP A 51 23.40 -21.94 -47.74
C ASP A 51 22.24 -22.62 -47.02
N GLU A 52 21.89 -23.84 -47.44
CA GLU A 52 20.72 -24.52 -46.82
C GLU A 52 21.01 -24.72 -45.33
N ALA A 53 22.21 -25.20 -44.98
CA ALA A 53 22.55 -25.42 -43.56
C ALA A 53 22.52 -24.09 -42.81
N VAL A 54 23.10 -23.07 -43.42
CA VAL A 54 23.17 -21.80 -42.64
C VAL A 54 21.73 -21.37 -42.34
N MET A 55 20.84 -21.42 -43.34
CA MET A 55 19.46 -20.93 -43.10
C MET A 55 18.74 -21.84 -42.09
N LEU A 56 18.93 -23.17 -42.15
CA LEU A 56 18.27 -24.02 -41.13
C LEU A 56 18.74 -23.64 -39.74
N ILE A 57 20.03 -23.39 -39.54
CA ILE A 57 20.45 -23.13 -38.13
C ILE A 57 20.04 -21.71 -37.75
N SER A 58 20.32 -20.75 -38.61
CA SER A 58 20.05 -19.34 -38.33
C SER A 58 18.57 -19.10 -38.04
N ALA A 59 17.68 -19.85 -38.71
CA ALA A 59 16.25 -19.71 -38.44
C ALA A 59 15.89 -20.22 -37.06
N PHE A 60 16.51 -21.33 -36.64
CA PHE A 60 16.29 -21.81 -35.27
C PHE A 60 16.81 -20.80 -34.25
N LEU A 61 17.97 -20.19 -34.55
CA LEU A 61 18.49 -19.13 -33.69
C LEU A 61 17.53 -17.94 -33.65
N LEU A 62 16.92 -17.61 -34.79
CA LEU A 62 15.95 -16.52 -34.83
C LEU A 62 14.72 -16.85 -33.98
N ALA A 63 14.28 -18.11 -34.01
CA ALA A 63 13.16 -18.50 -33.16
C ALA A 63 13.51 -18.37 -31.68
N ILE A 64 14.71 -18.82 -31.30
CA ILE A 64 15.15 -18.65 -29.91
C ILE A 64 15.21 -17.18 -29.55
N ALA A 65 15.72 -16.35 -30.47
CA ALA A 65 15.80 -14.91 -30.22
C ALA A 65 14.43 -14.30 -30.06
N ALA A 66 13.44 -14.77 -30.84
CA ALA A 66 12.09 -14.26 -30.71
C ALA A 66 11.50 -14.62 -29.36
N ALA A 67 11.74 -15.85 -28.90
CA ALA A 67 11.26 -16.23 -27.57
C ALA A 67 11.92 -15.38 -26.48
N LEU A 68 13.23 -15.16 -26.60
CA LEU A 68 13.92 -14.31 -25.63
C LEU A 68 13.41 -12.88 -25.67
N LEU A 69 13.09 -12.38 -26.86
CA LEU A 69 12.54 -11.03 -26.99
C LEU A 69 11.17 -10.94 -26.33
N LYS A 70 10.34 -11.97 -26.49
CA LYS A 70 9.05 -11.97 -25.82
C LYS A 70 9.21 -11.97 -24.31
N GLU A 71 10.16 -12.76 -23.79
CA GLU A 71 10.42 -12.74 -22.35
C GLU A 71 10.92 -11.37 -21.90
N LEU A 72 11.79 -10.75 -22.70
CA LEU A 72 12.28 -9.41 -22.40
C LEU A 72 11.13 -8.41 -22.35
N GLU A 73 10.21 -8.51 -23.30
CA GLU A 73 9.05 -7.62 -23.31
C GLU A 73 8.18 -7.84 -22.07
N GLU A 74 8.01 -9.09 -21.66
CA GLU A 74 7.23 -9.37 -20.45
C GLU A 74 7.88 -8.76 -19.22
N LEU A 75 9.20 -8.89 -19.10
CA LEU A 75 9.89 -8.32 -17.94
C LEU A 75 9.82 -6.79 -17.96
N ILE A 76 9.95 -6.19 -19.14
CA ILE A 76 9.83 -4.74 -19.25
C ILE A 76 8.42 -4.30 -18.87
N ARG A 77 7.41 -5.08 -19.26
CA ARG A 77 6.04 -4.76 -18.86
C ARG A 77 5.87 -4.84 -17.36
N LYS A 78 6.50 -5.84 -16.72
CA LYS A 78 6.44 -5.92 -15.26
C LYS A 78 7.09 -4.70 -14.61
N ARG A 79 8.23 -4.26 -15.15
CA ARG A 79 8.87 -3.05 -14.64
C ARG A 79 7.96 -1.83 -14.79
N PHE A 80 7.29 -1.72 -15.94
CA PHE A 80 6.38 -0.60 -16.17
C PHE A 80 5.20 -0.65 -15.20
N GLU A 81 4.70 -1.85 -14.91
CA GLU A 81 3.62 -1.97 -13.94
C GLU A 81 4.07 -1.55 -12.54
N GLU A 82 5.29 -1.93 -12.15
CA GLU A 82 5.82 -1.48 -10.87
C GLU A 82 5.92 0.04 -10.82
N TRP A 83 6.39 0.65 -11.91
CA TRP A 83 6.48 2.11 -11.95
C TRP A 83 5.09 2.75 -11.90
N GLU A 84 4.10 2.12 -12.54
CA GLU A 84 2.74 2.63 -12.48
C GLU A 84 2.20 2.59 -11.06
N LYS A 85 2.46 1.49 -10.34
CA LYS A 85 2.01 1.40 -8.95
C LYS A 85 2.68 2.47 -8.10
N GLU A 86 3.98 2.69 -8.29
CA GLU A 86 4.67 3.71 -7.52
C GLU A 86 4.14 5.10 -7.84
N GLU A 87 3.83 5.37 -9.11
CA GLU A 87 3.23 6.65 -9.47
C GLU A 87 1.85 6.83 -8.83
N GLU A 88 1.07 5.74 -8.76
CA GLU A 88 -0.24 5.82 -8.12
C GLU A 88 -0.10 6.13 -6.63
N THR A 89 0.86 5.49 -5.97
CA THR A 89 1.10 5.80 -4.55
C THR A 89 1.54 7.25 -4.39
N LEU A 90 2.38 7.75 -5.29
CA LEU A 90 2.78 9.15 -5.23
C LEU A 90 1.59 10.07 -5.42
N LYS A 91 0.66 9.71 -6.31
CA LYS A 91 -0.54 10.52 -6.50
C LYS A 91 -1.38 10.54 -5.23
N LYS A 92 -1.53 9.40 -4.56
CA LYS A 92 -2.26 9.38 -3.30
C LYS A 92 -1.58 10.25 -2.26
N LEU A 93 -0.24 10.19 -2.18
CA LEU A 93 0.48 11.00 -1.21
C LEU A 93 0.30 12.48 -1.51
N GLU A 94 0.32 12.85 -2.79
CA GLU A 94 0.10 14.26 -3.15
C GLU A 94 -1.33 14.70 -2.82
N ASP A 95 -2.30 13.80 -2.97
CA ASP A 95 -3.67 14.12 -2.56
C ASP A 95 -3.74 14.39 -1.06
N ASN A 96 -3.08 13.55 -0.26
CA ASN A 96 -3.03 13.78 1.18
C ASN A 96 -2.33 15.10 1.51
N TRP A 97 -1.27 15.40 0.77
CA TRP A 97 -0.57 16.67 0.91
C TRP A 97 -1.51 17.85 0.67
N GLU A 98 -2.31 17.76 -0.40
CA GLU A 98 -3.23 18.83 -0.73
C GLU A 98 -4.32 18.97 0.33
N THR A 99 -4.78 17.84 0.88
CA THR A 99 -5.74 17.91 1.98
C THR A 99 -5.14 18.64 3.18
N LEU A 100 -3.89 18.32 3.51
CA LEU A 100 -3.22 19.00 4.63
C LEU A 100 -3.12 20.50 4.37
N ASN A 101 -2.74 20.89 3.14
CA ASN A 101 -2.61 22.31 2.82
C ASN A 101 -3.96 23.02 2.90
N ASP A 102 -5.01 22.38 2.35
CA ASP A 102 -6.33 22.99 2.38
C ASP A 102 -6.81 23.19 3.81
N ASN A 103 -6.60 22.21 4.67
CA ASN A 103 -7.05 22.36 6.05
C ASN A 103 -6.18 23.33 6.82
N LEU A 104 -4.90 23.47 6.46
CA LEU A 104 -4.09 24.54 7.05
C LEU A 104 -4.64 25.91 6.67
N LYS A 105 -5.05 26.08 5.41
CA LYS A 105 -5.68 27.32 5.00
C LYS A 105 -6.97 27.55 5.79
N VAL A 106 -7.77 26.50 5.98
CA VAL A 106 -9.02 26.63 6.73
C VAL A 106 -8.74 27.05 8.17
N ILE A 107 -7.72 26.46 8.79
CA ILE A 107 -7.34 26.83 10.15
C ILE A 107 -6.92 28.30 10.19
N GLU A 108 -6.14 28.74 9.20
CA GLU A 108 -5.74 30.14 9.16
C GLU A 108 -6.95 31.06 9.05
N LYS A 109 -7.95 30.68 8.24
CA LYS A 109 -9.13 31.49 8.06
C LYS A 109 -10.20 31.26 9.12
N ALA A 110 -10.03 30.27 9.99
CA ALA A 110 -11.06 29.94 10.97
C ALA A 110 -11.18 31.03 12.03
N ASP A 111 -12.33 31.02 12.72
CA ASP A 111 -12.60 32.04 13.74
C ASP A 111 -12.99 31.40 15.07
N ASN A 112 -13.62 30.23 15.03
CA ASN A 112 -14.05 29.54 16.23
C ASN A 112 -13.32 28.21 16.35
N ALA A 113 -13.49 27.58 17.52
CA ALA A 113 -12.76 26.35 17.82
C ALA A 113 -13.29 25.14 17.07
N ALA A 114 -14.59 25.12 16.74
CA ALA A 114 -15.16 23.96 16.06
C ALA A 114 -14.56 23.79 14.67
N GLN A 115 -14.42 24.89 13.92
CA GLN A 115 -13.81 24.80 12.59
C GLN A 115 -12.36 24.33 12.67
N VAL A 116 -11.62 24.85 13.66
CA VAL A 116 -10.24 24.42 13.86
C VAL A 116 -10.18 22.93 14.17
N LYS A 117 -11.08 22.45 15.02
CA LYS A 117 -11.08 21.04 15.39
C LYS A 117 -11.41 20.15 14.19
N ASP A 118 -12.39 20.55 13.38
CA ASP A 118 -12.75 19.76 12.21
C ASP A 118 -11.59 19.73 11.20
N ALA A 119 -10.97 20.88 10.98
CA ALA A 119 -9.82 20.93 10.08
C ALA A 119 -8.67 20.07 10.60
N LEU A 120 -8.45 20.08 11.92
CA LEU A 120 -7.37 19.28 12.49
C LEU A 120 -7.68 17.79 12.40
N THR A 121 -8.95 17.41 12.53
CA THR A 121 -9.33 16.01 12.34
C THR A 121 -9.03 15.57 10.91
N LYS A 122 -9.38 16.42 9.93
CA LYS A 122 -9.07 16.10 8.54
C LYS A 122 -7.56 16.03 8.33
N MET A 123 -6.81 16.95 8.94
CA MET A 123 -5.36 16.93 8.85
C MET A 123 -4.78 15.64 9.41
N ARG A 124 -5.30 15.19 10.55
CA ARG A 124 -4.78 13.98 11.16
C ARG A 124 -5.04 12.76 10.30
N ALA A 125 -6.25 12.65 9.75
CA ALA A 125 -6.53 11.52 8.85
C ALA A 125 -5.63 11.56 7.62
N ALA A 126 -5.46 12.74 7.03
CA ALA A 126 -4.59 12.87 5.86
C ALA A 126 -3.15 12.52 6.19
N ALA A 127 -2.66 12.95 7.35
CA ALA A 127 -1.28 12.67 7.73
C ALA A 127 -1.06 11.19 7.99
N LEU A 128 -2.02 10.52 8.64
CA LEU A 128 -1.91 9.08 8.84
C LEU A 128 -1.87 8.34 7.50
N ASP A 129 -2.77 8.72 6.59
CA ASP A 129 -2.77 8.07 5.28
C ASP A 129 -1.48 8.34 4.53
N ALA A 130 -0.99 9.58 4.57
CA ALA A 130 0.23 9.93 3.85
C ALA A 130 1.44 9.18 4.41
N GLN A 131 1.51 9.04 5.73
CA GLN A 131 2.57 8.23 6.32
C GLN A 131 2.48 6.78 5.86
N LYS A 132 1.26 6.24 5.80
CA LYS A 132 1.12 4.87 5.33
C LYS A 132 1.28 4.76 3.81
N ALA A 133 1.04 5.83 3.06
CA ALA A 133 1.09 5.79 1.60
C ALA A 133 2.54 5.95 1.15
N THR A 134 3.28 4.84 1.20
CA THR A 134 4.66 4.84 0.75
C THR A 134 5.08 3.43 0.36
N PRO A 135 5.78 3.25 -0.77
CA PRO A 135 6.21 1.93 -1.23
C PRO A 135 7.39 1.39 -0.43
N PRO A 143 13.49 -0.10 0.66
CA PRO A 143 12.83 1.04 1.29
C PRO A 143 13.45 1.41 2.64
N ASP A 144 14.77 1.56 2.67
CA ASP A 144 15.49 1.92 3.90
C ASP A 144 16.40 3.13 3.68
N SER A 145 16.11 3.95 2.70
CA SER A 145 16.95 5.11 2.42
C SER A 145 16.85 6.12 3.56
N PRO A 146 17.87 6.94 3.77
CA PRO A 146 17.79 7.97 4.82
C PRO A 146 16.62 8.91 4.63
N GLU A 147 16.31 9.27 3.37
CA GLU A 147 15.16 10.13 3.12
C GLU A 147 13.86 9.46 3.52
N MET A 148 13.76 8.14 3.31
CA MET A 148 12.57 7.41 3.73
C MET A 148 12.38 7.47 5.23
N LYS A 149 13.46 7.23 5.99
CA LYS A 149 13.39 7.29 7.44
C LYS A 149 13.05 8.70 7.92
N ASP A 150 13.66 9.71 7.30
CA ASP A 150 13.32 11.09 7.67
C ASP A 150 11.87 11.41 7.35
N PHE A 151 11.34 10.86 6.25
CA PHE A 151 9.94 11.08 5.90
C PHE A 151 9.02 10.47 6.95
N ARG A 152 9.28 9.22 7.34
CA ARG A 152 8.44 8.57 8.36
C ARG A 152 8.54 9.28 9.71
N HIS A 153 9.76 9.66 10.11
CA HIS A 153 9.93 10.38 11.36
C HIS A 153 9.27 11.75 11.31
N GLY A 154 9.35 12.43 10.17
CA GLY A 154 8.70 13.71 10.03
C GLY A 154 7.20 13.60 10.12
N PHE A 155 6.62 12.54 9.58
CA PHE A 155 5.18 12.36 9.75
C PHE A 155 4.82 11.97 11.18
N ASP A 156 5.70 11.25 11.88
CA ASP A 156 5.46 11.02 13.30
C ASP A 156 5.39 12.34 14.07
N ILE A 157 6.38 13.21 13.84
CA ILE A 157 6.38 14.52 14.49
C ILE A 157 5.20 15.36 14.03
N LEU A 158 4.78 15.19 12.77
CA LEU A 158 3.69 15.97 12.23
C LEU A 158 2.37 15.60 12.89
N VAL A 159 2.11 14.30 13.05
CA VAL A 159 0.92 13.86 13.75
C VAL A 159 1.00 14.23 15.23
N GLY A 160 2.21 14.27 15.80
CA GLY A 160 2.34 14.79 17.16
C GLY A 160 1.96 16.25 17.29
N GLN A 161 2.35 17.06 16.31
CA GLN A 161 1.96 18.47 16.31
C GLN A 161 0.47 18.64 16.07
N ILE A 162 -0.13 17.77 15.23
CA ILE A 162 -1.59 17.76 15.10
C ILE A 162 -2.23 17.45 16.44
N ASP A 163 -1.64 16.50 17.18
CA ASP A 163 -2.17 16.14 18.53
C ASP A 163 -2.14 17.40 19.40
N ASP A 164 -1.00 18.10 19.40
CA ASP A 164 -0.84 19.31 20.25
C ASP A 164 -1.90 20.35 19.87
N ALA A 165 -2.06 20.60 18.57
CA ALA A 165 -3.04 21.57 18.11
C ALA A 165 -4.45 21.16 18.53
N LEU A 166 -4.77 19.87 18.42
CA LEU A 166 -6.09 19.39 18.83
C LEU A 166 -6.29 19.55 20.34
N LYS A 167 -5.25 19.28 21.12
CA LYS A 167 -5.34 19.48 22.56
C LYS A 167 -5.60 20.94 22.89
N LEU A 168 -4.91 21.85 22.21
CA LEU A 168 -5.15 23.28 22.44
C LEU A 168 -6.55 23.68 22.01
N ALA A 169 -7.03 23.14 20.89
CA ALA A 169 -8.35 23.51 20.39
C ALA A 169 -9.47 23.00 21.29
N ASN A 170 -9.29 21.82 21.88
CA ASN A 170 -10.31 21.28 22.77
C ASN A 170 -10.47 22.10 24.04
N GLU A 171 -9.49 22.95 24.37
CA GLU A 171 -9.60 23.85 25.51
C GLU A 171 -10.14 25.22 25.12
N GLY A 172 -10.50 25.42 23.85
CA GLY A 172 -11.02 26.69 23.39
C GLY A 172 -9.96 27.71 23.02
N LYS A 173 -8.69 27.33 22.99
CA LYS A 173 -7.61 28.25 22.67
C LYS A 173 -7.36 28.20 21.16
N VAL A 174 -8.02 29.10 20.44
CA VAL A 174 -7.93 29.11 18.98
C VAL A 174 -6.55 29.60 18.53
N LYS A 175 -6.06 30.68 19.15
CA LYS A 175 -4.80 31.27 18.72
C LYS A 175 -3.64 30.30 18.90
N GLU A 176 -3.62 29.58 20.03
CA GLU A 176 -2.59 28.57 20.22
C GLU A 176 -2.73 27.46 19.18
N ALA A 177 -3.95 27.16 18.75
CA ALA A 177 -4.14 26.18 17.68
C ALA A 177 -3.54 26.66 16.36
N GLN A 178 -3.74 27.94 16.03
CA GLN A 178 -3.10 28.47 14.83
C GLN A 178 -1.57 28.45 14.95
N ALA A 179 -1.04 28.77 16.13
CA ALA A 179 0.40 28.73 16.32
C ALA A 179 0.93 27.31 16.15
N ALA A 180 0.21 26.33 16.69
CA ALA A 180 0.60 24.94 16.52
C ALA A 180 0.54 24.53 15.05
N ALA A 181 -0.45 25.04 14.31
CA ALA A 181 -0.51 24.76 12.88
C ALA A 181 0.67 25.37 12.13
N GLU A 182 1.11 26.56 12.55
CA GLU A 182 2.28 27.17 11.92
C GLU A 182 3.54 26.34 12.18
N GLN A 183 3.73 25.91 13.42
CA GLN A 183 4.84 25.01 13.72
C GLN A 183 4.73 23.71 12.94
N LEU A 184 3.50 23.25 12.71
CA LEU A 184 3.25 22.09 11.88
C LEU A 184 3.74 22.32 10.46
N LYS A 185 3.45 23.49 9.91
CA LYS A 185 3.93 23.82 8.56
C LYS A 185 5.45 23.81 8.51
N THR A 186 6.10 24.39 9.53
CA THR A 186 7.56 24.40 9.58
C THR A 186 8.14 22.99 9.61
N THR A 187 7.57 22.13 10.46
CA THR A 187 8.06 20.75 10.56
C THR A 187 7.84 20.00 9.24
N ARG A 188 6.66 20.18 8.64
CA ARG A 188 6.36 19.52 7.37
C ARG A 188 7.37 19.92 6.31
N ASN A 189 7.64 21.23 6.19
CA ASN A 189 8.63 21.71 5.24
C ASN A 189 10.01 21.12 5.51
N ALA A 190 10.41 21.08 6.79
CA ALA A 190 11.76 20.65 7.11
C ALA A 190 11.95 19.14 6.96
N TYR A 191 10.88 18.35 6.96
CA TYR A 191 11.04 16.90 6.96
C TYR A 191 10.57 16.23 5.67
N ILE A 192 9.38 16.53 5.16
CA ILE A 192 8.80 15.72 4.09
C ILE A 192 9.01 16.31 2.69
N GLN A 193 9.35 17.60 2.59
CA GLN A 193 9.46 18.23 1.29
C GLN A 193 10.56 17.60 0.43
N LYS A 194 11.69 17.26 1.06
CA LYS A 194 12.79 16.68 0.29
C LYS A 194 12.41 15.33 -0.29
N TYR A 195 11.74 14.48 0.49
CA TYR A 195 11.27 13.20 -0.03
C TYR A 195 10.26 13.41 -1.15
N LEU A 196 9.37 14.39 -0.99
CA LEU A 196 8.40 14.66 -2.05
C LEU A 196 9.08 15.07 -3.34
N GLU A 197 10.06 15.97 -3.25
CA GLU A 197 10.79 16.40 -4.43
C GLU A 197 11.53 15.23 -5.08
N LYS A 198 12.17 14.39 -4.27
CA LYS A 198 12.88 13.25 -4.81
C LYS A 198 11.94 12.28 -5.51
N ALA A 199 10.78 12.01 -4.91
CA ALA A 199 9.82 11.11 -5.53
C ALA A 199 9.27 11.68 -6.84
N LYS A 200 8.99 12.98 -6.87
CA LYS A 200 8.52 13.60 -8.11
C LYS A 200 9.57 13.52 -9.21
N GLU A 201 10.83 13.80 -8.86
CA GLU A 201 11.90 13.71 -9.85
C GLU A 201 12.05 12.28 -10.37
N THR A 202 12.00 11.31 -9.46
CA THR A 202 12.11 9.91 -9.87
C THR A 202 10.95 9.51 -10.77
N MET A 203 9.74 9.95 -10.46
CA MET A 203 8.59 9.61 -11.29
C MET A 203 8.70 10.22 -12.68
N GLU A 204 9.14 11.48 -12.77
CA GLU A 204 9.33 12.10 -14.08
C GLU A 204 10.40 11.37 -14.89
N LYS A 205 11.53 11.05 -14.24
CA LYS A 205 12.59 10.35 -14.93
C LYS A 205 12.12 8.97 -15.39
N ARG A 206 11.33 8.29 -14.58
CA ARG A 206 10.83 6.97 -14.95
C ARG A 206 9.83 7.05 -16.09
N LYS A 207 9.01 8.09 -16.14
CA LYS A 207 8.12 8.27 -17.29
C LYS A 207 8.91 8.48 -18.57
N GLU A 208 9.96 9.32 -18.51
CA GLU A 208 10.81 9.53 -19.67
C GLU A 208 11.49 8.23 -20.10
N ILE A 209 11.99 7.46 -19.13
CA ILE A 209 12.65 6.19 -19.43
C ILE A 209 11.66 5.22 -20.05
N ARG A 210 10.41 5.21 -19.56
CA ARG A 210 9.40 4.35 -20.14
C ARG A 210 9.13 4.70 -21.59
N ARG A 211 9.02 6.00 -21.89
CA ARG A 211 8.76 6.41 -23.26
C ARG A 211 9.89 5.99 -24.19
N GLU A 212 11.14 6.29 -23.78
CA GLU A 212 12.28 5.94 -24.61
C GLU A 212 12.41 4.43 -24.76
N LEU A 213 12.13 3.65 -23.74
CA LEU A 213 12.19 2.16 -23.81
C LEU A 213 11.04 1.62 -24.66
N GLU A 214 9.87 2.22 -24.65
CA GLU A 214 8.78 1.79 -25.58
C GLU A 214 9.24 2.03 -27.02
N LYS A 215 9.93 3.15 -27.27
CA LYS A 215 10.41 3.43 -28.63
C LYS A 215 11.50 2.44 -29.04
N ILE A 216 12.46 2.18 -28.15
CA ILE A 216 13.57 1.29 -28.50
C ILE A 216 13.08 -0.14 -28.68
N LEU A 217 12.13 -0.59 -27.85
CA LEU A 217 11.60 -1.94 -28.02
C LEU A 217 10.83 -2.08 -29.33
N GLY A 218 10.08 -1.04 -29.72
CA GLY A 218 9.44 -1.07 -31.01
C GLY A 218 10.44 -1.17 -32.15
N VAL A 219 11.52 -0.39 -32.06
CA VAL A 219 12.56 -0.46 -33.08
C VAL A 219 13.18 -1.85 -33.13
N LEU A 220 13.41 -2.46 -31.97
CA LEU A 220 14.02 -3.79 -31.94
C LEU A 220 13.10 -4.85 -32.55
N ALA A 221 11.80 -4.78 -32.24
CA ALA A 221 10.86 -5.72 -32.84
C ALA A 221 10.79 -5.53 -34.34
N GLY A 222 10.79 -4.29 -34.80
CA GLY A 222 10.82 -4.04 -36.23
C GLY A 222 12.07 -4.58 -36.89
N LEU A 223 13.22 -4.45 -36.23
CA LEU A 223 14.46 -4.97 -36.78
C LEU A 223 14.43 -6.49 -36.89
N TYR A 224 13.92 -7.17 -35.85
CA TYR A 224 13.80 -8.63 -35.93
C TYR A 224 12.85 -9.06 -37.04
N VAL A 225 11.70 -8.39 -37.18
CA VAL A 225 10.77 -8.81 -38.22
C VAL A 225 11.35 -8.54 -39.60
N GLY A 226 12.10 -7.44 -39.75
CA GLY A 226 12.75 -7.16 -41.01
C GLY A 226 13.81 -8.19 -41.35
N ALA A 227 14.61 -8.59 -40.37
CA ALA A 227 15.61 -9.62 -40.61
C ALA A 227 14.95 -10.94 -40.98
N ALA A 228 13.84 -11.27 -40.31
CA ALA A 228 13.10 -12.51 -40.62
C ALA A 228 12.61 -12.46 -42.08
N PHE A 229 12.13 -11.29 -42.51
CA PHE A 229 11.63 -11.14 -43.90
C PHE A 229 12.80 -11.34 -44.88
N LEU A 230 14.00 -10.84 -44.53
CA LEU A 230 15.19 -10.98 -45.41
C LEU A 230 15.52 -12.47 -45.51
N MET A 231 15.53 -13.16 -44.38
CA MET A 231 15.85 -14.61 -44.40
C MET A 231 14.87 -15.33 -45.35
N VAL A 232 13.58 -15.12 -45.23
CA VAL A 232 12.76 -15.90 -46.21
C VAL A 232 13.07 -15.43 -47.64
N ILE A 233 13.38 -14.17 -47.85
CA ILE A 233 13.78 -13.77 -49.23
C ILE A 233 15.05 -14.52 -49.56
N ALA A 234 15.94 -14.75 -48.61
CA ALA A 234 17.18 -15.44 -49.03
C ALA A 234 16.83 -16.81 -49.57
N LYS A 235 15.98 -17.58 -48.87
CA LYS A 235 15.62 -18.96 -49.31
C LYS A 235 14.91 -18.89 -50.64
N PHE A 236 14.01 -17.93 -50.78
CA PHE A 236 13.27 -17.91 -52.05
C PHE A 236 14.30 -17.69 -53.15
N LEU A 237 15.20 -16.74 -52.99
CA LEU A 237 16.12 -16.45 -54.12
C LEU A 237 16.97 -17.69 -54.35
N THR A 238 17.49 -18.30 -53.29
CA THR A 238 18.41 -19.42 -53.56
C THR A 238 17.68 -20.52 -54.32
N LYS A 239 16.46 -20.91 -53.95
CA LYS A 239 15.86 -22.07 -54.67
C LYS A 239 15.14 -21.67 -55.98
N LYS A 240 14.83 -20.39 -56.16
CA LYS A 240 14.26 -19.96 -57.46
C LYS A 240 15.45 -20.04 -58.40
N ILE A 241 16.62 -20.17 -57.77
CA ILE A 241 17.85 -20.30 -58.61
C ILE A 241 18.38 -21.73 -58.47
N LYS A 242 18.16 -22.36 -57.31
CA LYS A 242 18.62 -23.76 -57.09
C LYS A 242 17.77 -24.74 -57.90
N GLU A 243 16.50 -24.91 -57.53
CA GLU A 243 15.70 -25.99 -58.17
C GLU A 243 15.61 -25.77 -59.68
N GLU A 244 15.71 -24.51 -60.14
CA GLU A 244 15.54 -24.23 -61.59
C GLU A 244 16.80 -24.67 -62.35
N ASN A 245 17.80 -25.19 -61.62
CA ASN A 245 19.07 -25.63 -62.25
C ASN A 245 19.48 -24.60 -63.32
N THR A 246 19.54 -23.32 -62.94
CA THR A 246 19.88 -22.25 -63.90
C THR A 246 21.21 -22.61 -64.57
N THR A 247 21.42 -22.13 -65.80
CA THR A 247 22.69 -22.38 -66.46
C THR A 247 23.36 -21.12 -67.00
N ASP A 248 22.58 -20.12 -67.40
CA ASP A 248 23.17 -18.91 -67.98
C ASP A 248 24.04 -18.19 -66.96
N LYS A 249 25.19 -17.70 -67.43
CA LYS A 249 26.13 -17.04 -66.54
C LYS A 249 25.66 -15.64 -66.14
N GLU A 250 24.90 -14.99 -67.04
CA GLU A 250 24.37 -13.64 -66.74
C GLU A 250 23.30 -13.75 -65.67
N LYS A 251 22.36 -14.68 -65.82
CA LYS A 251 21.33 -14.92 -64.76
C LYS A 251 22.07 -15.20 -63.46
N LEU A 252 23.04 -16.10 -63.51
CA LEU A 252 23.83 -16.43 -62.30
C LEU A 252 24.44 -15.16 -61.71
N ASN A 253 25.33 -14.48 -62.44
CA ASN A 253 26.04 -13.29 -61.87
C ASN A 253 25.04 -12.38 -61.16
N GLU A 254 23.94 -12.03 -61.84
CA GLU A 254 22.92 -11.12 -61.26
C GLU A 254 22.56 -11.60 -59.84
N TRP A 255 22.26 -12.89 -59.69
CA TRP A 255 21.96 -13.45 -58.37
C TRP A 255 23.19 -13.28 -57.49
N TYR A 256 24.35 -13.58 -58.04
CA TYR A 256 25.57 -13.53 -57.20
C TYR A 256 25.69 -12.14 -56.56
N GLU A 257 25.23 -11.10 -57.23
CA GLU A 257 25.25 -9.74 -56.62
C GLU A 257 24.01 -9.56 -55.72
N PHE A 258 22.81 -9.93 -56.21
CA PHE A 258 21.60 -9.84 -55.36
C PHE A 258 21.95 -10.36 -53.98
N VAL A 259 22.55 -11.54 -53.92
CA VAL A 259 22.81 -12.06 -52.56
C VAL A 259 23.85 -11.19 -51.86
N TYR A 260 24.91 -10.72 -52.54
CA TYR A 260 25.83 -9.85 -51.82
C TYR A 260 25.13 -8.61 -51.25
N VAL A 261 24.27 -7.97 -52.03
CA VAL A 261 23.61 -6.76 -51.50
C VAL A 261 22.64 -7.15 -50.39
N LEU A 262 21.97 -8.30 -50.52
CA LEU A 262 21.09 -8.76 -49.43
C LEU A 262 21.87 -9.07 -48.17
N LEU A 263 23.06 -9.65 -48.32
CA LEU A 263 23.90 -10.03 -47.14
C LEU A 263 24.44 -8.78 -46.45
N ILE A 264 24.84 -7.76 -47.23
CA ILE A 264 25.36 -6.50 -46.61
C ILE A 264 24.18 -5.74 -45.99
N PHE A 265 22.98 -5.85 -46.56
CA PHE A 265 21.82 -5.22 -45.93
C PHE A 265 21.48 -5.90 -44.62
N ALA A 266 21.62 -7.24 -44.61
CA ALA A 266 21.40 -8.01 -43.38
C ALA A 266 22.48 -7.63 -42.36
N PHE A 267 23.67 -7.28 -42.84
CA PHE A 267 24.76 -6.81 -41.93
C PHE A 267 24.32 -5.49 -41.28
N PHE A 268 23.84 -4.54 -42.10
CA PHE A 268 23.39 -3.23 -41.57
C PHE A 268 22.31 -3.48 -40.52
N ILE A 269 21.43 -4.45 -40.78
CA ILE A 269 20.33 -4.74 -39.86
C ILE A 269 20.86 -5.38 -38.58
N ILE A 270 21.82 -6.31 -38.71
CA ILE A 270 22.29 -7.05 -37.54
C ILE A 270 23.12 -6.15 -36.63
N LEU A 271 23.92 -5.25 -37.21
CA LEU A 271 24.64 -4.28 -36.37
C LEU A 271 23.69 -3.28 -35.73
N ALA A 272 22.61 -2.90 -36.43
CA ALA A 272 21.61 -2.06 -35.81
C ALA A 272 20.96 -2.75 -34.61
N ILE A 273 20.67 -4.04 -34.75
CA ILE A 273 20.14 -4.80 -33.64
C ILE A 273 21.14 -4.83 -32.48
N ALA A 274 22.42 -5.02 -32.79
CA ALA A 274 23.43 -5.05 -31.75
C ALA A 274 23.50 -3.73 -30.99
N VAL A 275 23.49 -2.62 -31.72
CA VAL A 275 23.58 -1.32 -31.06
C VAL A 275 22.31 -1.02 -30.27
N VAL A 276 21.15 -1.45 -30.76
CA VAL A 276 19.91 -1.27 -30.00
C VAL A 276 19.95 -2.07 -28.71
N LEU A 277 20.44 -3.31 -28.77
CA LEU A 277 20.55 -4.13 -27.57
C LEU A 277 21.53 -3.50 -26.57
N LEU A 278 22.64 -2.96 -27.07
CA LEU A 278 23.58 -2.27 -26.19
C LEU A 278 22.93 -1.05 -25.55
N LYS A 279 22.08 -0.36 -26.32
CA LYS A 279 21.37 0.82 -25.76
C LYS A 279 20.43 0.34 -24.64
N LEU A 280 19.65 -0.71 -24.90
CA LEU A 280 18.68 -1.23 -23.90
C LEU A 280 19.46 -1.61 -22.65
N LEU A 281 20.69 -2.11 -22.78
CA LEU A 281 21.42 -2.57 -21.58
C LEU A 281 21.84 -1.34 -20.80
N GLU A 282 22.48 -0.39 -21.48
CA GLU A 282 22.89 0.86 -20.79
C GLU A 282 21.70 1.49 -20.08
N ILE A 283 20.57 1.65 -20.78
CA ILE A 283 19.46 2.36 -20.12
C ILE A 283 18.91 1.53 -18.95
N LEU A 284 19.02 0.20 -19.02
CA LEU A 284 18.59 -0.64 -17.91
C LEU A 284 19.70 -0.94 -16.90
N GLY A 285 20.93 -0.51 -17.17
CA GLY A 285 22.02 -0.72 -16.24
C GLY A 285 23.08 -1.67 -16.76
N SER B 3 2.83 -10.94 36.05
CA SER B 3 3.19 -10.48 34.71
C SER B 3 1.96 -10.37 33.83
N GLU B 4 0.82 -10.04 34.43
CA GLU B 4 -0.44 -9.90 33.72
C GLU B 4 -0.89 -8.45 33.81
N VAL B 5 -1.12 -7.83 32.65
CA VAL B 5 -1.64 -6.47 32.60
C VAL B 5 -3.15 -6.52 32.72
N GLN B 6 -3.70 -5.81 33.68
CA GLN B 6 -5.15 -5.83 33.86
C GLN B 6 -5.62 -4.50 34.45
N LEU B 7 -6.91 -4.23 34.24
CA LEU B 7 -7.59 -3.06 34.77
C LEU B 7 -8.83 -3.54 35.50
N VAL B 8 -9.02 -3.06 36.72
CA VAL B 8 -10.13 -3.49 37.57
C VAL B 8 -10.97 -2.27 37.91
N GLU B 9 -12.27 -2.36 37.62
CA GLU B 9 -13.20 -1.29 37.92
C GLU B 9 -13.93 -1.56 39.23
N SER B 10 -14.29 -0.48 39.92
CA SER B 10 -14.95 -0.58 41.22
C SER B 10 -15.74 0.70 41.45
N GLY B 11 -16.64 0.64 42.42
CA GLY B 11 -17.40 1.79 42.84
C GLY B 11 -18.76 1.95 42.20
N GLY B 12 -19.05 1.22 41.12
CA GLY B 12 -20.35 1.32 40.50
C GLY B 12 -21.41 0.53 41.25
N GLY B 13 -22.66 0.95 41.05
CA GLY B 13 -23.78 0.29 41.69
C GLY B 13 -25.04 1.13 41.57
N LEU B 14 -26.07 0.66 42.26
CA LEU B 14 -27.36 1.35 42.25
C LEU B 14 -27.23 2.72 42.90
N VAL B 15 -27.88 3.72 42.29
CA VAL B 15 -27.85 5.08 42.80
C VAL B 15 -29.13 5.78 42.36
N GLN B 16 -29.60 6.70 43.20
CA GLN B 16 -30.78 7.48 42.87
C GLN B 16 -30.46 8.47 41.76
N PRO B 17 -31.46 8.84 40.95
CA PRO B 17 -31.22 9.84 39.91
C PRO B 17 -30.78 11.18 40.51
N GLY B 18 -29.86 11.85 39.82
CA GLY B 18 -29.30 13.08 40.30
C GLY B 18 -28.18 12.91 41.32
N GLY B 19 -27.80 11.66 41.61
CA GLY B 19 -26.82 11.40 42.67
C GLY B 19 -25.37 11.56 42.24
N SER B 20 -24.43 11.16 43.11
CA SER B 20 -22.99 11.34 42.81
C SER B 20 -22.19 10.09 43.23
N LEU B 21 -21.36 9.55 42.32
CA LEU B 21 -20.50 8.39 42.67
C LEU B 21 -19.17 8.40 41.91
N ARG B 22 -18.08 7.99 42.55
CA ARG B 22 -16.73 8.00 41.98
C ARG B 22 -16.36 6.58 41.58
N LEU B 23 -16.48 6.28 40.29
CA LEU B 23 -15.98 5.01 39.76
C LEU B 23 -14.46 5.05 39.73
N SER B 24 -13.83 3.89 39.96
CA SER B 24 -12.39 3.77 40.02
C SER B 24 -11.94 2.68 39.06
N CYS B 25 -10.81 2.92 38.40
CA CYS B 25 -10.17 1.95 37.51
C CYS B 25 -8.73 1.83 37.97
N ALA B 26 -8.42 0.73 38.65
CA ALA B 26 -7.07 0.47 39.14
C ALA B 26 -6.33 -0.37 38.11
N ALA B 27 -5.14 0.08 37.72
CA ALA B 27 -4.34 -0.56 36.69
C ALA B 27 -3.17 -1.28 37.34
N SER B 28 -2.96 -2.54 36.95
CA SER B 28 -1.82 -3.31 37.41
C SER B 28 -1.13 -3.96 36.22
N GLY B 29 0.17 -4.13 36.34
CA GLY B 29 0.99 -4.59 35.24
C GLY B 29 1.47 -3.49 34.31
N PHE B 30 0.99 -2.27 34.50
CA PHE B 30 1.44 -1.12 33.73
C PHE B 30 1.05 0.13 34.51
N ASN B 31 1.83 1.20 34.32
CA ASN B 31 1.56 2.47 34.96
C ASN B 31 0.79 3.39 34.01
N VAL B 32 0.10 4.36 34.60
CA VAL B 32 -0.75 5.25 33.82
C VAL B 32 0.08 6.20 32.96
N VAL B 33 1.28 6.55 33.40
CA VAL B 33 2.02 7.66 32.80
C VAL B 33 2.32 7.46 31.33
N ASP B 34 2.24 6.24 30.82
CA ASP B 34 2.50 5.98 29.40
C ASP B 34 1.28 5.40 28.69
N PHE B 35 0.09 5.55 29.27
CA PHE B 35 -1.13 5.08 28.64
C PHE B 35 -2.28 6.01 29.02
N SER B 36 -3.05 6.44 28.02
CA SER B 36 -4.26 7.19 28.29
C SER B 36 -5.36 6.23 28.70
N LEU B 37 -6.15 6.64 29.69
CA LEU B 37 -7.21 5.80 30.22
C LEU B 37 -8.56 6.33 29.79
N HIS B 38 -9.36 5.48 29.16
CA HIS B 38 -10.64 5.86 28.59
C HIS B 38 -11.76 5.13 29.30
N TRP B 39 -12.84 5.85 29.56
CA TRP B 39 -14.07 5.28 30.09
C TRP B 39 -15.08 5.17 28.96
N VAL B 40 -15.60 3.96 28.76
CA VAL B 40 -16.53 3.62 27.69
C VAL B 40 -17.71 2.89 28.30
N ARG B 41 -18.93 3.33 28.02
CA ARG B 41 -20.09 2.71 28.63
C ARG B 41 -20.89 1.95 27.59
N GLN B 42 -21.61 0.93 28.06
CA GLN B 42 -22.51 0.14 27.24
C GLN B 42 -23.85 0.05 27.95
N ALA B 43 -24.87 0.66 27.35
CA ALA B 43 -26.20 0.60 27.94
C ALA B 43 -26.76 -0.81 27.84
N PRO B 44 -27.65 -1.20 28.77
CA PRO B 44 -28.22 -2.55 28.72
C PRO B 44 -28.90 -2.84 27.38
N GLY B 45 -28.34 -3.78 26.62
CA GLY B 45 -28.87 -4.15 25.34
C GLY B 45 -28.48 -3.24 24.19
N LYS B 46 -27.72 -2.19 24.44
CA LYS B 46 -27.28 -1.27 23.41
C LYS B 46 -25.82 -1.56 23.05
N GLY B 47 -25.24 -0.69 22.22
CA GLY B 47 -23.86 -0.83 21.82
C GLY B 47 -22.91 -0.08 22.73
N LEU B 48 -21.66 -0.01 22.31
CA LEU B 48 -20.62 0.66 23.07
C LEU B 48 -20.62 2.15 22.79
N GLU B 49 -20.30 2.94 23.81
CA GLU B 49 -20.25 4.40 23.69
C GLU B 49 -19.10 4.94 24.52
N TRP B 50 -18.25 5.74 23.89
CA TRP B 50 -17.11 6.33 24.56
C TRP B 50 -17.55 7.47 25.45
N VAL B 51 -17.13 7.46 26.71
CA VAL B 51 -17.56 8.46 27.68
C VAL B 51 -16.51 9.55 27.83
N ALA B 52 -15.27 9.16 28.14
CA ALA B 52 -14.26 10.17 28.45
C ALA B 52 -12.87 9.55 28.32
N TYR B 53 -11.85 10.40 28.39
CA TYR B 53 -10.51 9.87 28.61
C TYR B 53 -9.69 10.90 29.36
N ILE B 54 -8.60 10.40 29.96
CA ILE B 54 -7.60 11.22 30.63
C ILE B 54 -6.22 10.75 30.22
N SER B 55 -5.34 11.70 29.90
CA SER B 55 -3.92 11.45 29.69
C SER B 55 -3.17 12.08 30.85
N SER B 56 -2.68 11.25 31.77
CA SER B 56 -2.03 11.77 32.97
CA SER B 56 -2.03 11.76 32.97
C SER B 56 -0.68 12.38 32.65
N SER B 57 -0.04 11.97 31.55
CA SER B 57 1.26 12.53 31.20
C SER B 57 1.16 14.03 30.91
N SER B 58 0.11 14.44 30.20
CA SER B 58 -0.11 15.84 29.87
C SER B 58 -1.28 16.46 30.60
N GLY B 59 -2.05 15.68 31.36
CA GLY B 59 -3.19 16.21 32.09
C GLY B 59 -4.42 16.42 31.25
N SER B 60 -4.38 16.11 29.96
CA SER B 60 -5.53 16.35 29.10
CA SER B 60 -5.53 16.35 29.09
C SER B 60 -6.68 15.42 29.43
N THR B 61 -7.89 15.96 29.45
CA THR B 61 -9.09 15.20 29.69
C THR B 61 -10.14 15.63 28.68
N SER B 62 -10.89 14.67 28.14
CA SER B 62 -11.97 15.01 27.23
C SER B 62 -13.18 14.15 27.55
N TYR B 63 -14.36 14.66 27.17
CA TYR B 63 -15.62 14.12 27.61
C TYR B 63 -16.56 13.96 26.41
N ALA B 64 -17.49 13.01 26.52
CA ALA B 64 -18.53 12.90 25.53
C ALA B 64 -19.49 14.07 25.63
N ASP B 65 -20.08 14.44 24.49
CA ASP B 65 -21.00 15.58 24.48
C ASP B 65 -22.24 15.30 25.33
N SER B 66 -22.71 14.06 25.34
CA SER B 66 -23.88 13.69 26.12
C SER B 66 -23.63 13.78 27.62
N VAL B 67 -22.37 13.77 28.06
CA VAL B 67 -22.03 13.80 29.47
C VAL B 67 -21.08 14.92 29.83
N LYS B 68 -20.72 15.79 28.88
CA LYS B 68 -19.79 16.88 29.18
C LYS B 68 -20.44 17.87 30.15
N GLY B 69 -19.66 18.30 31.13
CA GLY B 69 -20.13 19.20 32.15
C GLY B 69 -20.67 18.54 33.39
N ARG B 70 -20.96 17.24 33.33
CA ARG B 70 -21.46 16.49 34.48
C ARG B 70 -20.44 15.54 35.07
N PHE B 71 -19.63 14.89 34.24
CA PHE B 71 -18.62 13.96 34.71
C PHE B 71 -17.29 14.68 34.89
N THR B 72 -16.45 14.14 35.77
CA THR B 72 -15.12 14.69 36.02
C THR B 72 -14.15 13.53 36.12
N ILE B 73 -13.22 13.45 35.18
CA ILE B 73 -12.24 12.36 35.13
C ILE B 73 -10.91 12.87 35.68
N SER B 74 -10.29 12.08 36.54
CA SER B 74 -9.04 12.43 37.18
C SER B 74 -8.20 11.18 37.35
N ALA B 75 -6.96 11.34 37.82
CA ALA B 75 -6.08 10.21 37.98
C ALA B 75 -5.11 10.46 39.14
N ASP B 76 -4.54 9.36 39.63
CA ASP B 76 -3.55 9.39 40.71
C ASP B 76 -2.47 8.38 40.33
N THR B 77 -1.35 8.89 39.82
CA THR B 77 -0.25 8.01 39.41
C THR B 77 0.53 7.46 40.59
N SER B 78 0.44 8.10 41.76
CA SER B 78 1.13 7.58 42.94
C SER B 78 0.57 6.21 43.32
N LYS B 79 -0.75 6.06 43.31
CA LYS B 79 -1.39 4.77 43.56
C LYS B 79 -1.91 4.12 42.29
N ASN B 80 -1.60 4.70 41.12
CA ASN B 80 -1.83 4.05 39.83
C ASN B 80 -3.31 3.73 39.63
N THR B 81 -4.13 4.78 39.64
CA THR B 81 -5.58 4.59 39.54
C THR B 81 -6.19 5.77 38.79
N ALA B 82 -7.34 5.53 38.18
CA ALA B 82 -8.14 6.59 37.55
C ALA B 82 -9.50 6.66 38.22
N TYR B 83 -10.07 7.87 38.25
CA TYR B 83 -11.38 8.08 38.86
C TYR B 83 -12.28 8.84 37.90
N LEU B 84 -13.57 8.51 37.97
CA LEU B 84 -14.61 9.20 37.23
C LEU B 84 -15.71 9.58 38.22
N GLN B 85 -15.80 10.87 38.56
CA GLN B 85 -16.87 11.38 39.39
C GLN B 85 -18.08 11.67 38.53
N MET B 86 -19.19 10.99 38.81
CA MET B 86 -20.42 11.12 38.05
C MET B 86 -21.43 11.90 38.89
N ASN B 87 -21.90 13.01 38.33
CA ASN B 87 -22.78 13.93 39.02
C ASN B 87 -24.02 14.18 38.18
N SER B 88 -25.12 14.55 38.84
CA SER B 88 -26.39 14.87 38.19
C SER B 88 -26.82 13.71 37.28
N LEU B 89 -26.81 12.51 37.85
CA LEU B 89 -27.12 11.32 37.07
C LEU B 89 -28.58 11.32 36.62
N ARG B 90 -28.81 10.83 35.41
CA ARG B 90 -30.15 10.75 34.84
C ARG B 90 -30.41 9.32 34.37
N ALA B 91 -31.59 9.10 33.80
CA ALA B 91 -32.03 7.75 33.45
C ALA B 91 -31.18 7.11 32.37
N GLU B 92 -30.54 7.90 31.51
CA GLU B 92 -29.74 7.35 30.43
CA GLU B 92 -29.73 7.37 30.42
C GLU B 92 -28.30 7.06 30.83
N ASP B 93 -27.93 7.33 32.09
CA ASP B 93 -26.58 7.07 32.57
C ASP B 93 -26.41 5.64 33.09
N THR B 94 -27.47 4.86 33.16
CA THR B 94 -27.36 3.48 33.60
C THR B 94 -26.73 2.63 32.50
N ALA B 95 -25.65 1.92 32.83
CA ALA B 95 -24.88 1.18 31.84
C ALA B 95 -23.77 0.43 32.55
N VAL B 96 -23.07 -0.42 31.79
CA VAL B 96 -21.85 -1.05 32.25
C VAL B 96 -20.68 -0.19 31.79
N TYR B 97 -19.88 0.28 32.73
CA TYR B 97 -18.75 1.16 32.43
C TYR B 97 -17.47 0.34 32.43
N TYR B 98 -16.76 0.37 31.31
CA TYR B 98 -15.47 -0.27 31.16
C TYR B 98 -14.39 0.78 31.08
N CYS B 99 -13.21 0.44 31.60
CA CYS B 99 -12.04 1.30 31.51
CA CYS B 99 -12.03 1.30 31.53
C CYS B 99 -10.99 0.60 30.67
N ALA B 100 -10.48 1.31 29.67
CA ALA B 100 -9.54 0.74 28.71
C ALA B 100 -8.29 1.61 28.65
N ARG B 101 -7.18 0.99 28.26
CA ARG B 101 -5.92 1.68 28.09
C ARG B 101 -5.60 1.83 26.61
N TRP B 102 -5.03 2.97 26.26
CA TRP B 102 -4.67 3.26 24.88
C TRP B 102 -3.28 3.87 24.86
N GLY B 103 -2.39 3.31 24.06
CA GLY B 103 -1.02 3.77 24.03
C GLY B 103 -0.88 5.14 23.40
N TYR B 104 0.27 5.75 23.63
CA TYR B 104 0.54 7.09 23.14
C TYR B 104 1.17 7.05 21.76
N TRP B 105 0.89 8.09 20.98
CA TRP B 105 1.56 8.26 19.71
C TRP B 105 3.04 8.57 19.94
N PRO B 106 3.94 8.06 19.09
CA PRO B 106 3.70 7.20 17.93
C PRO B 106 4.02 5.73 18.14
N GLY B 107 3.75 4.92 17.12
CA GLY B 107 4.16 3.53 17.11
C GLY B 107 2.99 2.59 17.30
N GLU B 108 3.33 1.32 17.52
CA GLU B 108 2.33 0.30 17.79
C GLU B 108 1.44 0.61 19.00
N PRO B 109 1.93 1.19 20.11
CA PRO B 109 1.03 1.46 21.24
C PRO B 109 -0.19 2.29 20.86
N TRP B 110 -0.04 3.28 19.99
CA TRP B 110 -1.21 4.06 19.58
C TRP B 110 -2.10 3.26 18.63
N TRP B 111 -1.48 2.52 17.71
CA TRP B 111 -2.26 1.81 16.70
C TRP B 111 -3.01 0.61 17.28
N LYS B 112 -2.62 0.14 18.46
CA LYS B 112 -3.29 -1.01 19.05
C LYS B 112 -4.62 -0.67 19.69
N ALA B 113 -4.95 0.62 19.83
CA ALA B 113 -6.23 1.09 20.34
C ALA B 113 -6.45 0.50 21.74
N PHE B 114 -7.71 0.19 22.07
CA PHE B 114 -8.05 -0.39 23.37
C PHE B 114 -7.64 -1.86 23.37
N ASP B 115 -6.36 -2.09 23.63
CA ASP B 115 -5.85 -3.46 23.64
C ASP B 115 -6.27 -4.21 24.90
N TYR B 116 -6.43 -3.51 26.03
CA TYR B 116 -6.85 -4.13 27.27
C TYR B 116 -8.04 -3.38 27.83
N TRP B 117 -9.07 -4.13 28.22
CA TRP B 117 -10.28 -3.57 28.81
C TRP B 117 -10.44 -4.10 30.24
N GLY B 118 -11.10 -3.31 31.06
CA GLY B 118 -11.43 -3.75 32.39
C GLY B 118 -12.64 -4.66 32.40
N GLN B 119 -12.95 -5.19 33.58
CA GLN B 119 -14.11 -6.06 33.71
C GLN B 119 -15.43 -5.30 33.59
N GLY B 120 -15.42 -4.00 33.89
CA GLY B 120 -16.63 -3.20 33.79
C GLY B 120 -17.51 -3.31 35.01
N THR B 121 -18.08 -2.19 35.45
CA THR B 121 -18.95 -2.15 36.61
C THR B 121 -20.31 -1.58 36.22
N LEU B 122 -21.36 -2.11 36.83
CA LEU B 122 -22.73 -1.74 36.47
C LEU B 122 -23.17 -0.52 37.29
N VAL B 123 -23.76 0.46 36.62
CA VAL B 123 -24.29 1.65 37.25
C VAL B 123 -25.77 1.74 36.89
N THR B 124 -26.62 1.85 37.91
CA THR B 124 -28.05 1.91 37.72
C THR B 124 -28.65 3.15 38.36
N ASP C 2 -18.14 15.19 14.29
CA ASP C 2 -18.51 13.91 14.84
C ASP C 2 -18.57 12.85 13.75
N ILE C 3 -17.76 11.81 13.88
CA ILE C 3 -17.63 10.76 12.88
C ILE C 3 -18.60 9.64 13.21
N GLN C 4 -19.52 9.35 12.30
CA GLN C 4 -20.40 8.21 12.42
C GLN C 4 -19.75 6.99 11.79
N MET C 5 -19.97 5.82 12.39
CA MET C 5 -19.38 4.58 11.93
C MET C 5 -20.55 3.60 11.78
N THR C 6 -21.08 3.49 10.57
CA THR C 6 -22.30 2.74 10.32
C THR C 6 -21.95 1.28 10.06
N GLN C 7 -22.50 0.39 10.87
CA GLN C 7 -22.20 -1.03 10.82
C GLN C 7 -23.38 -1.79 10.24
N SER C 8 -23.09 -2.70 9.31
CA SER C 8 -24.09 -3.57 8.71
C SER C 8 -23.54 -4.97 8.60
N PRO C 9 -24.39 -5.99 8.74
CA PRO C 9 -25.79 -5.86 9.14
C PRO C 9 -25.92 -5.71 10.66
N SER C 10 -27.09 -5.26 11.12
CA SER C 10 -27.31 -5.15 12.55
C SER C 10 -27.32 -6.50 13.24
N SER C 11 -27.55 -7.58 12.50
CA SER C 11 -27.53 -8.94 13.02
C SER C 11 -27.59 -9.90 11.85
N LEU C 12 -26.86 -11.01 11.98
CA LEU C 12 -26.87 -12.05 10.96
C LEU C 12 -26.85 -13.41 11.63
N SER C 13 -27.48 -14.39 10.98
CA SER C 13 -27.53 -15.75 11.47
C SER C 13 -26.71 -16.65 10.55
N ALA C 14 -25.79 -17.41 11.12
CA ALA C 14 -24.92 -18.29 10.35
C ALA C 14 -24.66 -19.55 11.16
N SER C 15 -24.23 -20.59 10.48
CA SER C 15 -23.91 -21.87 11.09
C SER C 15 -22.40 -22.07 11.11
N VAL C 16 -21.98 -23.20 11.67
CA VAL C 16 -20.55 -23.46 11.83
C VAL C 16 -19.92 -23.70 10.46
N GLY C 17 -18.85 -22.94 10.18
CA GLY C 17 -18.13 -23.04 8.94
C GLY C 17 -18.53 -22.01 7.90
N ASP C 18 -19.69 -21.38 8.05
CA ASP C 18 -20.13 -20.38 7.08
C ASP C 18 -19.29 -19.12 7.19
N ARG C 19 -18.82 -18.63 6.05
CA ARG C 19 -18.06 -17.39 6.03
C ARG C 19 -18.95 -16.22 6.42
N VAL C 20 -18.47 -15.36 7.31
CA VAL C 20 -19.22 -14.24 7.82
C VAL C 20 -18.50 -12.95 7.46
N THR C 21 -19.25 -11.97 6.94
CA THR C 21 -18.70 -10.69 6.53
C THR C 21 -19.49 -9.57 7.18
N ILE C 22 -18.78 -8.63 7.80
CA ILE C 22 -19.37 -7.48 8.47
C ILE C 22 -18.73 -6.23 7.87
N THR C 23 -19.55 -5.25 7.50
CA THR C 23 -19.08 -4.06 6.81
C THR C 23 -19.35 -2.82 7.65
N CYS C 24 -18.45 -1.85 7.59
CA CYS C 24 -18.56 -0.60 8.31
CA CYS C 24 -18.62 -0.59 8.29
C CYS C 24 -18.19 0.56 7.39
N ARG C 25 -18.94 1.64 7.47
CA ARG C 25 -18.76 2.84 6.66
C ARG C 25 -18.45 4.02 7.57
N ALA C 26 -17.41 4.77 7.25
CA ALA C 26 -17.04 5.95 8.00
C ALA C 26 -17.55 7.19 7.29
N SER C 27 -18.14 8.11 8.06
CA SER C 27 -18.69 9.34 7.49
C SER C 27 -17.60 10.21 6.88
N GLN C 28 -16.34 9.99 7.26
CA GLN C 28 -15.22 10.70 6.65
C GLN C 28 -13.99 9.81 6.80
N SER C 29 -12.95 10.14 6.05
CA SER C 29 -11.71 9.37 6.11
C SER C 29 -11.17 9.37 7.53
N VAL C 30 -10.90 8.17 8.04
CA VAL C 30 -10.26 7.99 9.33
C VAL C 30 -8.95 7.22 9.20
N SER C 31 -8.36 7.25 8.01
CA SER C 31 -7.17 6.46 7.68
C SER C 31 -7.51 4.99 7.94
N SER C 32 -6.53 4.19 8.35
CA SER C 32 -6.77 2.82 8.76
C SER C 32 -6.97 2.70 10.27
N ALA C 33 -7.33 3.79 10.94
CA ALA C 33 -7.52 3.78 12.39
C ALA C 33 -8.89 3.21 12.75
N VAL C 34 -9.11 1.97 12.34
CA VAL C 34 -10.32 1.22 12.64
C VAL C 34 -9.95 -0.11 13.26
N ALA C 35 -10.62 -0.46 14.35
CA ALA C 35 -10.40 -1.69 15.07
C ALA C 35 -11.72 -2.45 15.19
N TRP C 36 -11.61 -3.77 15.20
CA TRP C 36 -12.74 -4.67 15.37
C TRP C 36 -12.61 -5.38 16.70
N TYR C 37 -13.67 -5.29 17.51
CA TYR C 37 -13.72 -5.88 18.85
C TYR C 37 -14.79 -6.95 18.89
N GLN C 38 -14.51 -8.02 19.62
CA GLN C 38 -15.46 -9.09 19.87
C GLN C 38 -15.96 -8.98 21.31
N GLN C 39 -17.26 -9.22 21.51
CA GLN C 39 -17.83 -9.19 22.85
C GLN C 39 -18.79 -10.36 23.02
N LYS C 40 -18.52 -11.18 24.03
CA LYS C 40 -19.45 -12.23 24.43
C LYS C 40 -20.51 -11.64 25.36
N PRO C 41 -21.66 -12.30 25.49
CA PRO C 41 -22.69 -11.82 26.43
C PRO C 41 -22.17 -11.86 27.86
N GLY C 42 -22.17 -10.70 28.51
CA GLY C 42 -21.72 -10.60 29.89
C GLY C 42 -20.23 -10.43 30.08
N LYS C 43 -19.48 -10.18 29.01
CA LYS C 43 -18.03 -10.02 29.09
C LYS C 43 -17.63 -8.72 28.43
N ALA C 44 -16.46 -8.21 28.81
CA ALA C 44 -15.94 -7.00 28.23
C ALA C 44 -15.49 -7.24 26.79
N PRO C 45 -15.52 -6.22 25.94
CA PRO C 45 -14.99 -6.38 24.58
C PRO C 45 -13.51 -6.72 24.63
N LYS C 46 -13.06 -7.53 23.67
CA LYS C 46 -11.61 -7.86 23.55
C LYS C 46 -11.18 -7.43 22.14
N LEU C 47 -9.89 -7.12 21.94
CA LEU C 47 -9.46 -6.59 20.62
C LEU C 47 -9.20 -7.72 19.62
N LEU C 48 -9.92 -7.73 18.49
CA LEU C 48 -9.66 -8.70 17.45
C LEU C 48 -8.70 -8.16 16.40
N ILE C 49 -9.04 -7.04 15.78
CA ILE C 49 -8.25 -6.47 14.69
C ILE C 49 -7.98 -5.02 15.02
N TYR C 50 -6.75 -4.56 14.72
CA TYR C 50 -6.41 -3.15 14.82
C TYR C 50 -5.75 -2.72 13.52
N SER C 51 -5.64 -1.40 13.32
CA SER C 51 -5.14 -0.82 12.08
C SER C 51 -5.91 -1.29 10.86
N ALA C 52 -7.10 -1.85 11.09
CA ALA C 52 -8.08 -2.26 10.08
C ALA C 52 -7.64 -3.50 9.32
N SER C 53 -6.39 -3.92 9.48
CA SER C 53 -5.91 -5.14 8.84
C SER C 53 -4.97 -5.97 9.69
N SER C 54 -4.59 -5.51 10.88
CA SER C 54 -3.59 -6.18 11.69
C SER C 54 -4.28 -7.04 12.74
N LEU C 55 -3.87 -8.29 12.83
CA LEU C 55 -4.49 -9.25 13.75
C LEU C 55 -3.79 -9.18 15.10
N TYR C 56 -4.57 -8.98 16.16
CA TYR C 56 -4.02 -8.90 17.50
C TYR C 56 -3.51 -10.26 17.95
N SER C 57 -2.48 -10.23 18.80
CA SER C 57 -1.84 -11.46 19.25
C SER C 57 -2.83 -12.34 20.00
N GLY C 58 -2.85 -13.62 19.66
CA GLY C 58 -3.74 -14.58 20.27
C GLY C 58 -5.04 -14.82 19.53
N VAL C 59 -5.43 -13.91 18.65
CA VAL C 59 -6.66 -14.07 17.88
C VAL C 59 -6.45 -15.15 16.82
N PRO C 60 -7.40 -16.06 16.62
CA PRO C 60 -7.26 -17.04 15.55
C PRO C 60 -7.13 -16.36 14.19
N SER C 61 -6.34 -16.98 13.31
CA SER C 61 -6.06 -16.37 12.01
C SER C 61 -7.26 -16.38 11.08
N ARG C 62 -8.35 -17.07 11.44
CA ARG C 62 -9.54 -17.04 10.61
C ARG C 62 -10.12 -15.63 10.53
N PHE C 63 -10.06 -14.88 11.63
CA PHE C 63 -10.46 -13.48 11.61
C PHE C 63 -9.52 -12.68 10.73
N SER C 64 -10.10 -11.80 9.91
CA SER C 64 -9.29 -10.94 9.07
C SER C 64 -10.02 -9.62 8.87
N GLY C 65 -9.25 -8.58 8.55
CA GLY C 65 -9.81 -7.28 8.29
C GLY C 65 -9.22 -6.68 7.04
N SER C 66 -10.04 -5.89 6.35
CA SER C 66 -9.63 -5.25 5.12
C SER C 66 -10.18 -3.84 5.06
N ARG C 67 -9.52 -2.99 4.28
CA ARG C 67 -9.91 -1.61 4.10
C ARG C 67 -10.03 -1.28 2.62
N SER C 68 -11.03 -0.46 2.29
CA SER C 68 -11.21 0.05 0.94
C SER C 68 -11.81 1.44 1.09
N GLY C 69 -10.97 2.47 1.04
CA GLY C 69 -11.46 3.82 1.28
C GLY C 69 -11.98 3.94 2.70
N THR C 70 -13.22 4.40 2.82
CA THR C 70 -13.88 4.51 4.12
C THR C 70 -14.72 3.28 4.45
N ASP C 71 -14.58 2.19 3.68
CA ASP C 71 -15.24 0.93 3.99
C ASP C 71 -14.26 -0.02 4.67
N PHE C 72 -14.72 -0.67 5.72
CA PHE C 72 -13.90 -1.60 6.49
C PHE C 72 -14.66 -2.91 6.62
N THR C 73 -13.96 -4.02 6.45
CA THR C 73 -14.59 -5.33 6.39
C THR C 73 -13.93 -6.27 7.38
N LEU C 74 -14.74 -6.95 8.18
CA LEU C 74 -14.30 -8.03 9.04
C LEU C 74 -14.82 -9.34 8.48
N THR C 75 -13.93 -10.32 8.31
CA THR C 75 -14.26 -11.59 7.71
C THR C 75 -13.86 -12.72 8.64
N ILE C 76 -14.81 -13.58 8.95
CA ILE C 76 -14.55 -14.84 9.64
C ILE C 76 -14.68 -15.95 8.60
N SER C 77 -13.54 -16.54 8.24
CA SER C 77 -13.53 -17.54 7.17
C SER C 77 -14.29 -18.79 7.58
N SER C 78 -13.98 -19.35 8.74
CA SER C 78 -14.61 -20.56 9.25
C SER C 78 -15.22 -20.25 10.60
N LEU C 79 -16.52 -20.00 10.63
CA LEU C 79 -17.19 -19.70 11.89
C LEU C 79 -17.17 -20.91 12.81
N GLN C 80 -16.39 -20.83 13.87
CA GLN C 80 -16.27 -21.89 14.86
C GLN C 80 -17.37 -21.74 15.91
N PRO C 81 -17.68 -22.81 16.64
CA PRO C 81 -18.77 -22.73 17.63
C PRO C 81 -18.52 -21.72 18.73
N GLU C 82 -17.27 -21.28 18.94
CA GLU C 82 -16.96 -20.25 19.92
C GLU C 82 -16.80 -18.87 19.28
N ASP C 83 -17.40 -18.66 18.12
CA ASP C 83 -17.32 -17.38 17.41
C ASP C 83 -18.63 -16.61 17.42
N PHE C 84 -19.62 -17.04 18.19
CA PHE C 84 -20.88 -16.32 18.27
C PHE C 84 -20.72 -15.18 19.26
N ALA C 85 -20.97 -13.95 18.80
CA ALA C 85 -20.71 -12.77 19.63
C ALA C 85 -21.17 -11.50 18.94
N THR C 86 -21.02 -10.36 19.62
CA THR C 86 -21.29 -9.08 19.01
C THR C 86 -19.96 -8.44 18.61
N TYR C 87 -19.85 -8.07 17.33
CA TYR C 87 -18.62 -7.52 16.78
C TYR C 87 -18.82 -6.03 16.49
N TYR C 88 -17.86 -5.23 16.93
CA TYR C 88 -17.94 -3.77 16.83
C TYR C 88 -16.80 -3.24 15.99
N CYS C 89 -17.13 -2.44 14.99
CA CYS C 89 -16.17 -1.57 14.34
C CYS C 89 -16.06 -0.26 15.12
N GLN C 90 -14.81 0.17 15.32
CA GLN C 90 -14.54 1.38 16.13
C GLN C 90 -13.42 2.18 15.49
N GLN C 91 -13.68 3.45 15.20
CA GLN C 91 -12.66 4.34 14.66
C GLN C 91 -12.00 5.08 15.81
N TYR C 92 -10.67 5.15 15.78
CA TYR C 92 -9.89 5.76 16.84
C TYR C 92 -8.92 6.77 16.27
N LEU C 93 -9.44 7.66 15.43
CA LEU C 93 -8.60 8.67 14.79
C LEU C 93 -7.91 9.55 15.82
N TYR C 94 -8.63 9.96 16.86
CA TYR C 94 -8.05 10.74 17.94
C TYR C 94 -8.68 10.30 19.26
N TYR C 95 -8.07 10.74 20.37
CA TYR C 95 -8.52 10.32 21.68
C TYR C 95 -9.97 10.71 21.94
N SER C 96 -10.35 11.93 21.58
CA SER C 96 -11.68 12.46 21.88
C SER C 96 -12.68 12.22 20.76
N LEU C 97 -12.26 11.61 19.65
CA LEU C 97 -13.14 11.37 18.52
C LEU C 97 -13.53 9.90 18.39
N VAL C 98 -13.50 9.15 19.48
CA VAL C 98 -13.76 7.72 19.45
C VAL C 98 -15.26 7.50 19.28
N THR C 99 -15.62 6.73 18.25
CA THR C 99 -17.00 6.30 18.05
C THR C 99 -17.00 4.82 17.67
N PHE C 100 -18.03 4.12 18.12
CA PHE C 100 -18.20 2.70 17.89
C PHE C 100 -19.29 2.46 16.86
N GLY C 101 -19.22 1.30 16.20
CA GLY C 101 -20.31 0.85 15.37
C GLY C 101 -21.48 0.36 16.21
N GLN C 102 -22.60 0.13 15.54
CA GLN C 102 -23.79 -0.31 16.25
C GLN C 102 -23.69 -1.77 16.70
N GLY C 103 -22.78 -2.54 16.11
CA GLY C 103 -22.57 -3.91 16.54
C GLY C 103 -23.34 -4.93 15.74
N THR C 104 -22.67 -6.00 15.31
CA THR C 104 -23.28 -7.09 14.57
C THR C 104 -23.31 -8.32 15.46
N LYS C 105 -24.51 -8.85 15.70
CA LYS C 105 -24.68 -9.99 16.61
C LYS C 105 -24.68 -11.27 15.78
N VAL C 106 -23.51 -11.85 15.61
CA VAL C 106 -23.38 -13.13 14.92
C VAL C 106 -23.82 -14.23 15.87
N GLU C 107 -24.84 -14.97 15.48
CA GLU C 107 -25.39 -16.05 16.30
C GLU C 107 -25.42 -17.35 15.51
N ILE C 108 -25.24 -18.45 16.22
CA ILE C 108 -25.22 -19.77 15.59
C ILE C 108 -26.64 -20.31 15.47
C10 KY6 D . 20.45 -15.85 -43.12
C11 KY6 D . 20.18 -14.62 -42.59
C12 KY6 D . 19.98 -14.41 -41.16
C13 KY6 D . 19.82 -13.28 -40.40
C14 KY6 D . 19.86 -12.03 -41.10
C16 KY6 D . 19.60 -13.21 -38.92
C17 KY6 D . 19.46 -11.99 -38.24
C18 KY6 D . 19.27 -11.92 -36.87
C19 KY6 D . 19.20 -13.08 -36.13
C20 KY6 D . 18.99 -13.03 -34.70
C01 KY6 D . 20.58 -13.87 -49.30
C03 KY6 D . 21.85 -16.01 -49.58
C04 KY6 D . 20.87 -16.98 -50.27
C06 KY6 D . 21.01 -15.33 -47.31
C07 KY6 D . 21.15 -16.63 -46.77
C08 KY6 D . 20.99 -16.88 -45.42
C09 KY6 D . 20.67 -15.81 -44.56
C22 KY6 D . 19.32 -14.31 -36.76
C23 KY6 D . 19.52 -14.37 -38.13
C25 KY6 D . 20.52 -14.52 -45.07
C26 KY6 D . 20.68 -14.25 -46.43
N02 KY6 D . 21.16 -15.08 -48.68
N15 KY6 D . 19.89 -11.02 -41.64
N21 KY6 D . 18.81 -13.01 -33.57
O05 KY6 D . 21.50 -17.83 -51.25
S24 KY6 D . 20.11 -13.39 -43.83
#